data_5F2P
#
_entry.id   5F2P
#
_cell.length_a   70.924
_cell.length_b   125.413
_cell.length_c   29.525
_cell.angle_alpha   90.000
_cell.angle_beta   90.000
_cell.angle_gamma   90.000
#
_symmetry.space_group_name_H-M   'P 21 21 2'
#
loop_
_entity.id
_entity.type
_entity.pdbx_description
1 polymer BRD9
2 non-polymer 2-(dimethylamino)-6-methyl-pyrido[4,3-d]pyrimidin-5-one
3 water water
#
_entity_poly.entity_id   1
_entity_poly.type   'polypeptide(L)'
_entity_poly.pdbx_seq_one_letter_code
;SMLKLSAENESTPIQQLLEHFLRQLQRKDPHGFFAFPVTDAIAPGYSMIIKHPMDFGTMKDKIVANEYKSVTEFKADFKL
MCDNAMTYNRPDTVYYKLAKKILHAGFKMMSKERLLALKRSMS
;
_entity_poly.pdbx_strand_id   A,B
#
loop_
_chem_comp.id
_chem_comp.type
_chem_comp.name
_chem_comp.formula
5TY non-polymer 2-(dimethylamino)-6-methyl-pyrido[4,3-d]pyrimidin-5-one 'C10 H12 N4 O'
#
# COMPACT_ATOMS: atom_id res chain seq x y z
N SER A 11 -1.56 1.36 -10.62
CA SER A 11 -2.01 1.86 -9.32
C SER A 11 -0.95 2.77 -8.67
N THR A 12 -1.40 3.73 -7.83
CA THR A 12 -0.53 4.69 -7.13
C THR A 12 -0.29 4.26 -5.65
N PRO A 13 0.77 4.76 -4.95
CA PRO A 13 0.98 4.37 -3.54
C PRO A 13 -0.18 4.71 -2.59
N ILE A 14 -0.87 5.84 -2.84
CA ILE A 14 -2.03 6.27 -2.06
C ILE A 14 -3.21 5.29 -2.24
N GLN A 15 -3.47 4.85 -3.50
CA GLN A 15 -4.54 3.91 -3.85
C GLN A 15 -4.35 2.55 -3.16
N GLN A 16 -3.09 2.03 -3.15
CA GLN A 16 -2.73 0.77 -2.51
C GLN A 16 -2.94 0.82 -0.99
N LEU A 17 -2.57 1.94 -0.35
CA LEU A 17 -2.74 2.14 1.08
C LEU A 17 -4.22 2.24 1.46
N LEU A 18 -5.02 2.96 0.64
CA LEU A 18 -6.45 3.12 0.88
C LEU A 18 -7.23 1.83 0.65
N GLU A 19 -6.82 1.02 -0.36
CA GLU A 19 -7.43 -0.29 -0.64
C GLU A 19 -7.20 -1.25 0.53
N HIS A 20 -5.99 -1.20 1.14
CA HIS A 20 -5.63 -2.00 2.30
C HIS A 20 -6.54 -1.65 3.49
N PHE A 21 -6.69 -0.34 3.79
CA PHE A 21 -7.56 0.14 4.86
C PHE A 21 -9.01 -0.27 4.61
N LEU A 22 -9.50 -0.13 3.37
CA LEU A 22 -10.87 -0.49 2.99
C LEU A 22 -11.14 -2.00 3.16
N ARG A 23 -10.19 -2.86 2.73
CA ARG A 23 -10.29 -4.32 2.84
C ARG A 23 -10.43 -4.74 4.31
N GLN A 24 -9.57 -4.18 5.18
CA GLN A 24 -9.57 -4.45 6.62
C GLN A 24 -10.87 -3.98 7.27
N LEU A 25 -11.47 -2.87 6.75
CA LEU A 25 -12.75 -2.33 7.23
C LEU A 25 -13.91 -3.23 6.81
N GLN A 26 -13.92 -3.67 5.54
CA GLN A 26 -14.96 -4.54 4.96
C GLN A 26 -15.00 -5.93 5.61
N ARG A 27 -13.85 -6.38 6.14
CA ARG A 27 -13.67 -7.65 6.87
C ARG A 27 -14.54 -7.66 8.14
N LYS A 28 -14.73 -6.47 8.76
CA LYS A 28 -15.53 -6.25 9.97
C LYS A 28 -17.04 -6.26 9.69
N ASP A 29 -17.44 -6.28 8.40
CA ASP A 29 -18.83 -6.33 7.95
C ASP A 29 -19.02 -7.58 7.05
N PRO A 30 -19.10 -8.81 7.65
CA PRO A 30 -19.23 -10.03 6.83
C PRO A 30 -20.57 -10.19 6.09
N HIS A 31 -21.65 -9.56 6.60
CA HIS A 31 -22.97 -9.66 5.98
C HIS A 31 -23.19 -8.62 4.87
N GLY A 32 -22.20 -7.75 4.66
CA GLY A 32 -22.21 -6.71 3.64
C GLY A 32 -23.29 -5.66 3.80
N PHE A 33 -23.61 -5.28 5.06
CA PHE A 33 -24.63 -4.26 5.35
C PHE A 33 -24.22 -2.88 4.81
N PHE A 34 -22.91 -2.60 4.77
CA PHE A 34 -22.36 -1.32 4.32
C PHE A 34 -21.71 -1.37 2.93
N ALA A 35 -21.88 -2.49 2.21
CA ALA A 35 -21.28 -2.70 0.88
C ALA A 35 -21.94 -1.90 -0.25
N PHE A 36 -23.25 -1.63 -0.12
CA PHE A 36 -24.12 -1.01 -1.14
C PHE A 36 -24.88 0.25 -0.64
N PRO A 37 -25.28 1.23 -1.51
CA PRO A 37 -26.10 2.36 -1.02
C PRO A 37 -27.46 1.91 -0.50
N VAL A 38 -27.97 2.57 0.55
CA VAL A 38 -29.27 2.20 1.15
C VAL A 38 -30.39 2.86 0.33
N THR A 39 -31.32 2.04 -0.20
CA THR A 39 -32.46 2.53 -1.00
C THR A 39 -33.69 2.70 -0.13
N ASP A 40 -34.65 3.52 -0.58
CA ASP A 40 -35.92 3.76 0.13
C ASP A 40 -36.79 2.51 0.17
N ALA A 41 -36.63 1.60 -0.83
CA ALA A 41 -37.34 0.33 -0.92
C ALA A 41 -36.93 -0.60 0.22
N ILE A 42 -35.62 -0.59 0.55
CA ILE A 42 -35.01 -1.38 1.64
C ILE A 42 -35.28 -0.70 3.00
N ALA A 43 -35.04 0.62 3.10
CA ALA A 43 -35.27 1.37 4.34
C ALA A 43 -36.23 2.56 4.10
N PRO A 44 -37.50 2.48 4.58
CA PRO A 44 -38.46 3.59 4.34
C PRO A 44 -38.06 4.95 4.91
N GLY A 45 -38.20 5.97 4.08
CA GLY A 45 -37.88 7.35 4.42
C GLY A 45 -36.40 7.65 4.61
N TYR A 46 -35.52 6.79 4.07
CA TYR A 46 -34.06 6.94 4.16
C TYR A 46 -33.53 8.21 3.49
N SER A 47 -33.97 8.50 2.25
CA SER A 47 -33.56 9.67 1.47
C SER A 47 -34.01 11.01 2.11
N MET A 48 -35.07 10.95 2.96
CA MET A 48 -35.69 12.05 3.70
C MET A 48 -34.92 12.40 4.98
N ILE A 49 -34.20 11.42 5.56
CA ILE A 49 -33.44 11.56 6.80
C ILE A 49 -31.94 11.71 6.49
N ILE A 50 -31.40 10.88 5.59
CA ILE A 50 -29.99 10.86 5.20
C ILE A 50 -29.83 11.57 3.85
N LYS A 51 -29.22 12.76 3.89
CA LYS A 51 -29.00 13.59 2.71
C LYS A 51 -27.61 13.46 2.10
N HIS A 52 -26.66 12.86 2.86
CA HIS A 52 -25.29 12.64 2.40
C HIS A 52 -24.96 11.13 2.49
N PRO A 53 -25.55 10.28 1.61
CA PRO A 53 -25.31 8.83 1.72
C PRO A 53 -23.87 8.43 1.40
N MET A 54 -23.43 7.34 2.04
CA MET A 54 -22.09 6.77 1.85
C MET A 54 -22.12 5.27 2.13
N ASP A 55 -21.28 4.51 1.42
CA ASP A 55 -21.14 3.06 1.53
C ASP A 55 -19.74 2.65 1.06
N PHE A 56 -19.31 1.43 1.42
CA PHE A 56 -18.00 0.87 1.04
C PHE A 56 -17.77 0.81 -0.47
N GLY A 57 -18.84 0.56 -1.24
CA GLY A 57 -18.82 0.49 -2.70
C GLY A 57 -18.48 1.82 -3.34
N THR A 58 -19.08 2.92 -2.82
CA THR A 58 -18.85 4.29 -3.29
C THR A 58 -17.40 4.68 -2.92
N MET A 59 -16.93 4.26 -1.73
CA MET A 59 -15.56 4.50 -1.26
C MET A 59 -14.55 3.78 -2.15
N LYS A 60 -14.87 2.54 -2.56
CA LYS A 60 -14.03 1.72 -3.47
C LYS A 60 -13.91 2.42 -4.83
N ASP A 61 -15.04 2.91 -5.38
CA ASP A 61 -15.11 3.63 -6.65
C ASP A 61 -14.28 4.93 -6.62
N LYS A 62 -14.29 5.63 -5.47
CA LYS A 62 -13.52 6.86 -5.27
C LYS A 62 -12.02 6.59 -5.26
N ILE A 63 -11.57 5.45 -4.67
CA ILE A 63 -10.16 5.03 -4.65
C ILE A 63 -9.71 4.74 -6.09
N VAL A 64 -10.49 3.91 -6.83
CA VAL A 64 -10.22 3.52 -8.23
C VAL A 64 -10.10 4.74 -9.15
N ALA A 65 -10.99 5.74 -8.96
CA ALA A 65 -11.00 6.98 -9.74
C ALA A 65 -9.96 8.01 -9.24
N ASN A 66 -9.23 7.68 -8.14
CA ASN A 66 -8.18 8.49 -7.49
C ASN A 66 -8.76 9.85 -7.03
N GLU A 67 -9.95 9.79 -6.41
CA GLU A 67 -10.70 10.94 -5.90
C GLU A 67 -10.29 11.39 -4.49
N TYR A 68 -9.54 10.54 -3.75
CA TYR A 68 -9.07 10.89 -2.41
C TYR A 68 -7.68 11.51 -2.46
N LYS A 69 -7.54 12.73 -1.93
CA LYS A 69 -6.28 13.46 -1.88
C LYS A 69 -5.46 13.07 -0.65
N SER A 70 -6.14 12.62 0.42
CA SER A 70 -5.50 12.23 1.68
C SER A 70 -6.28 11.15 2.43
N VAL A 71 -5.66 10.56 3.47
CA VAL A 71 -6.27 9.56 4.35
C VAL A 71 -7.42 10.23 5.16
N THR A 72 -7.26 11.54 5.49
CA THR A 72 -8.26 12.34 6.21
C THR A 72 -9.59 12.35 5.43
N GLU A 73 -9.52 12.53 4.10
CA GLU A 73 -10.69 12.52 3.21
C GLU A 73 -11.38 11.16 3.21
N PHE A 74 -10.58 10.07 3.20
CA PHE A 74 -11.07 8.68 3.26
C PHE A 74 -11.76 8.42 4.61
N LYS A 75 -11.11 8.85 5.71
CA LYS A 75 -11.61 8.73 7.09
C LYS A 75 -12.94 9.48 7.25
N ALA A 76 -13.08 10.66 6.59
CA ALA A 76 -14.28 11.49 6.62
C ALA A 76 -15.46 10.76 5.96
N ASP A 77 -15.23 10.04 4.86
CA ASP A 77 -16.28 9.26 4.17
C ASP A 77 -16.70 8.07 5.03
N PHE A 78 -15.71 7.40 5.67
CA PHE A 78 -15.96 6.26 6.56
C PHE A 78 -16.80 6.71 7.76
N LYS A 79 -16.44 7.85 8.38
CA LYS A 79 -17.16 8.43 9.51
C LYS A 79 -18.59 8.78 9.11
N LEU A 80 -18.78 9.39 7.92
CA LEU A 80 -20.08 9.77 7.37
C LEU A 80 -21.00 8.56 7.25
N MET A 81 -20.47 7.44 6.70
CA MET A 81 -21.19 6.17 6.53
C MET A 81 -21.70 5.64 7.88
N CYS A 82 -20.81 5.58 8.90
CA CYS A 82 -21.15 5.11 10.26
C CYS A 82 -22.15 6.05 10.92
N ASP A 83 -21.93 7.37 10.82
CA ASP A 83 -22.82 8.39 11.38
C ASP A 83 -24.22 8.30 10.79
N ASN A 84 -24.34 8.05 9.47
CA ASN A 84 -25.63 7.89 8.77
C ASN A 84 -26.43 6.73 9.36
N ALA A 85 -25.77 5.59 9.56
CA ALA A 85 -26.39 4.38 10.13
C ALA A 85 -26.85 4.61 11.57
N MET A 86 -26.10 5.43 12.32
CA MET A 86 -26.43 5.74 13.71
C MET A 86 -27.51 6.82 13.83
N THR A 87 -27.72 7.59 12.75
CA THR A 87 -28.75 8.64 12.67
C THR A 87 -30.10 8.03 12.27
N TYR A 88 -30.10 7.20 11.22
CA TYR A 88 -31.33 6.57 10.71
C TYR A 88 -31.86 5.46 11.61
N ASN A 89 -30.97 4.54 12.04
CA ASN A 89 -31.34 3.37 12.84
C ASN A 89 -31.29 3.63 14.34
N ARG A 90 -32.28 3.08 15.07
CA ARG A 90 -32.38 3.15 16.53
C ARG A 90 -31.23 2.40 17.21
N PRO A 91 -30.80 2.78 18.44
CA PRO A 91 -29.63 2.13 19.06
C PRO A 91 -29.70 0.62 19.27
N ASP A 92 -30.90 0.01 19.35
CA ASP A 92 -31.05 -1.43 19.57
C ASP A 92 -31.05 -2.26 18.26
N THR A 93 -30.74 -1.65 17.10
CA THR A 93 -30.70 -2.35 15.80
C THR A 93 -29.30 -2.88 15.48
N VAL A 94 -29.22 -3.92 14.62
CA VAL A 94 -27.94 -4.51 14.18
C VAL A 94 -27.09 -3.50 13.40
N TYR A 95 -27.75 -2.60 12.64
CA TYR A 95 -27.12 -1.57 11.81
C TYR A 95 -26.42 -0.50 12.65
N TYR A 96 -27.08 0.00 13.72
CA TYR A 96 -26.52 1.00 14.63
C TYR A 96 -25.33 0.37 15.38
N LYS A 97 -25.53 -0.84 15.95
CA LYS A 97 -24.52 -1.57 16.73
C LYS A 97 -23.25 -1.83 15.92
N LEU A 98 -23.39 -2.30 14.66
CA LEU A 98 -22.24 -2.56 13.79
C LEU A 98 -21.51 -1.27 13.41
N ALA A 99 -22.28 -0.20 13.08
CA ALA A 99 -21.72 1.11 12.72
C ALA A 99 -20.85 1.68 13.85
N LYS A 100 -21.32 1.59 15.11
CA LYS A 100 -20.59 2.06 16.30
C LYS A 100 -19.31 1.26 16.50
N LYS A 101 -19.40 -0.08 16.38
CA LYS A 101 -18.28 -1.01 16.53
C LYS A 101 -17.20 -0.76 15.47
N ILE A 102 -17.60 -0.67 14.18
CA ILE A 102 -16.65 -0.49 13.08
C ILE A 102 -16.08 0.95 13.05
N LEU A 103 -16.83 1.98 13.50
CA LEU A 103 -16.33 3.37 13.55
C LEU A 103 -15.13 3.47 14.49
N HIS A 104 -15.26 2.89 15.70
CA HIS A 104 -14.22 2.84 16.74
C HIS A 104 -13.00 2.07 16.22
N ALA A 105 -13.22 0.84 15.73
CA ALA A 105 -12.18 -0.04 15.21
C ALA A 105 -11.45 0.56 14.01
N GLY A 106 -12.19 1.25 13.15
CA GLY A 106 -11.66 1.92 11.96
C GLY A 106 -10.80 3.11 12.29
N PHE A 107 -11.22 3.92 13.28
CA PHE A 107 -10.46 5.09 13.71
C PHE A 107 -9.20 4.73 14.50
N LYS A 108 -9.16 3.53 15.12
CA LYS A 108 -7.95 3.07 15.81
C LYS A 108 -6.94 2.56 14.79
N MET A 109 -7.41 1.93 13.71
CA MET A 109 -6.59 1.41 12.62
C MET A 109 -5.96 2.57 11.82
N MET A 110 -6.71 3.67 11.65
CA MET A 110 -6.27 4.86 10.91
C MET A 110 -6.02 6.04 11.85
N SER A 111 -5.57 5.74 13.09
CA SER A 111 -5.29 6.74 14.12
C SER A 111 -4.10 7.63 13.76
N LYS A 112 -4.05 8.83 14.35
CA LYS A 112 -2.95 9.78 14.16
C LYS A 112 -1.60 9.15 14.57
N GLU A 113 -1.62 8.26 15.59
CA GLU A 113 -0.48 7.50 16.09
C GLU A 113 0.03 6.54 15.01
N ARG A 114 -0.87 5.74 14.42
CA ARG A 114 -0.55 4.76 13.37
C ARG A 114 -0.07 5.42 12.08
N LEU A 115 -0.68 6.56 11.72
CA LEU A 115 -0.30 7.31 10.51
C LEU A 115 1.05 8.00 10.68
N LEU A 116 1.39 8.44 11.92
CA LEU A 116 2.69 9.05 12.23
C LEU A 116 3.79 7.99 12.13
N ALA A 117 3.50 6.75 12.59
CA ALA A 117 4.43 5.61 12.50
C ALA A 117 4.67 5.23 11.03
N LEU A 118 3.63 5.37 10.18
CA LEU A 118 3.71 5.10 8.75
C LEU A 118 4.50 6.21 8.05
N LYS A 119 4.33 7.49 8.49
CA LYS A 119 5.05 8.66 7.97
C LYS A 119 6.54 8.54 8.23
N ARG A 120 6.91 8.05 9.45
CA ARG A 120 8.30 7.84 9.87
C ARG A 120 8.99 6.76 9.03
N SER A 121 8.23 5.72 8.62
CA SER A 121 8.74 4.63 7.79
C SER A 121 8.86 5.02 6.30
N MET A 122 8.33 6.22 5.92
CA MET A 122 8.39 6.74 4.56
C MET A 122 9.64 7.60 4.30
N SER A 123 10.41 7.89 5.36
CA SER A 123 11.65 8.68 5.28
C SER A 123 12.88 7.78 5.20
N SER B 11 -1.32 -8.06 7.31
CA SER B 11 -0.31 -7.15 6.78
C SER B 11 -0.40 -5.76 7.40
N THR B 12 0.72 -5.04 7.42
CA THR B 12 0.83 -3.68 7.96
C THR B 12 0.85 -2.66 6.80
N PRO B 13 0.48 -1.36 7.03
CA PRO B 13 0.52 -0.39 5.92
C PRO B 13 1.89 -0.20 5.26
N ILE B 14 3.00 -0.28 6.04
CA ILE B 14 4.35 -0.14 5.48
C ILE B 14 4.67 -1.33 4.55
N GLN B 15 4.30 -2.57 4.96
CA GLN B 15 4.48 -3.77 4.16
C GLN B 15 3.74 -3.62 2.82
N GLN B 16 2.51 -3.04 2.85
CA GLN B 16 1.69 -2.79 1.66
C GLN B 16 2.36 -1.78 0.72
N LEU B 17 2.95 -0.71 1.28
CA LEU B 17 3.67 0.30 0.50
C LEU B 17 4.93 -0.27 -0.15
N LEU B 18 5.68 -1.09 0.61
CA LEU B 18 6.91 -1.71 0.11
C LEU B 18 6.64 -2.78 -0.94
N GLU B 19 5.53 -3.53 -0.79
CA GLU B 19 5.10 -4.56 -1.77
C GLU B 19 4.72 -3.88 -3.08
N HIS B 20 4.06 -2.71 -3.02
CA HIS B 20 3.67 -1.90 -4.19
C HIS B 20 4.94 -1.48 -4.96
N PHE B 21 5.94 -0.90 -4.24
CA PHE B 21 7.20 -0.47 -4.84
C PHE B 21 7.94 -1.65 -5.45
N LEU B 22 7.98 -2.81 -4.75
CA LEU B 22 8.64 -4.02 -5.24
C LEU B 22 7.98 -4.57 -6.51
N ARG B 23 6.62 -4.61 -6.55
CA ARG B 23 5.86 -5.08 -7.72
C ARG B 23 6.17 -4.21 -8.93
N GLN B 24 6.26 -2.88 -8.74
CA GLN B 24 6.56 -1.91 -9.80
C GLN B 24 7.98 -2.09 -10.34
N LEU B 25 8.94 -2.41 -9.45
CA LEU B 25 10.32 -2.66 -9.83
C LEU B 25 10.44 -3.99 -10.57
N GLN B 26 9.75 -5.04 -10.07
CA GLN B 26 9.77 -6.38 -10.69
C GLN B 26 9.14 -6.39 -12.09
N ARG B 27 8.20 -5.45 -12.35
CA ARG B 27 7.52 -5.23 -13.64
C ARG B 27 8.54 -4.84 -14.72
N LYS B 28 9.60 -4.10 -14.31
CA LYS B 28 10.69 -3.64 -15.18
C LYS B 28 11.69 -4.76 -15.52
N ASP B 29 11.55 -5.94 -14.88
CA ASP B 29 12.39 -7.14 -15.10
C ASP B 29 11.47 -8.32 -15.49
N PRO B 30 10.95 -8.36 -16.75
CA PRO B 30 10.02 -9.46 -17.13
C PRO B 30 10.63 -10.86 -17.22
N HIS B 31 11.95 -10.94 -17.46
CA HIS B 31 12.65 -12.23 -17.58
C HIS B 31 13.11 -12.79 -16.22
N GLY B 32 12.88 -12.04 -15.15
CA GLY B 32 13.22 -12.41 -13.79
C GLY B 32 14.71 -12.60 -13.52
N PHE B 33 15.56 -11.75 -14.14
CA PHE B 33 17.01 -11.80 -13.95
C PHE B 33 17.42 -11.47 -12.52
N PHE B 34 16.64 -10.60 -11.84
CA PHE B 34 16.91 -10.17 -10.47
C PHE B 34 15.98 -10.81 -9.43
N ALA B 35 15.20 -11.82 -9.84
CA ALA B 35 14.25 -12.50 -8.96
C ALA B 35 14.88 -13.43 -7.91
N PHE B 36 16.04 -14.03 -8.22
CA PHE B 36 16.69 -14.98 -7.32
C PHE B 36 18.20 -14.74 -7.15
N PRO B 37 18.85 -15.25 -6.08
CA PRO B 37 20.30 -15.01 -5.91
C PRO B 37 21.13 -15.62 -7.04
N VAL B 38 22.24 -14.95 -7.40
CA VAL B 38 23.16 -15.41 -8.45
C VAL B 38 24.12 -16.45 -7.84
N THR B 39 24.16 -17.67 -8.42
CA THR B 39 25.02 -18.75 -7.94
C THR B 39 26.37 -18.78 -8.67
N ASP B 40 27.39 -19.38 -8.02
CA ASP B 40 28.73 -19.52 -8.60
C ASP B 40 28.74 -20.48 -9.78
N ALA B 41 27.76 -21.43 -9.82
CA ALA B 41 27.59 -22.41 -10.89
C ALA B 41 27.22 -21.73 -12.20
N ILE B 42 26.39 -20.65 -12.16
CA ILE B 42 26.00 -19.93 -13.37
C ILE B 42 26.96 -18.75 -13.65
N ALA B 43 27.51 -18.13 -12.59
CA ALA B 43 28.43 -16.99 -12.71
C ALA B 43 29.73 -17.26 -11.95
N PRO B 44 30.79 -17.76 -12.64
CA PRO B 44 32.05 -18.06 -11.93
C PRO B 44 32.67 -16.91 -11.16
N GLY B 45 33.06 -17.18 -9.93
CA GLY B 45 33.68 -16.23 -9.02
C GLY B 45 32.76 -15.19 -8.40
N TYR B 46 31.43 -15.33 -8.62
CA TYR B 46 30.45 -14.37 -8.15
C TYR B 46 30.55 -14.06 -6.66
N SER B 47 30.62 -15.12 -5.81
CA SER B 47 30.71 -15.01 -4.35
C SER B 47 31.98 -14.30 -3.86
N MET B 48 33.04 -14.30 -4.66
CA MET B 48 34.26 -13.62 -4.26
C MET B 48 34.21 -12.14 -4.64
N ILE B 49 33.59 -11.82 -5.80
CA ILE B 49 33.49 -10.44 -6.30
C ILE B 49 32.37 -9.68 -5.57
N ILE B 50 31.22 -10.34 -5.38
CA ILE B 50 30.04 -9.76 -4.73
C ILE B 50 29.91 -10.29 -3.30
N LYS B 51 30.39 -9.51 -2.31
CA LYS B 51 30.40 -9.94 -0.91
C LYS B 51 29.08 -9.63 -0.22
N HIS B 52 28.25 -8.76 -0.83
CA HIS B 52 26.95 -8.37 -0.29
C HIS B 52 25.86 -8.66 -1.33
N PRO B 53 25.52 -9.96 -1.58
CA PRO B 53 24.50 -10.26 -2.60
C PRO B 53 23.10 -9.78 -2.22
N MET B 54 22.30 -9.45 -3.25
CA MET B 54 20.92 -8.99 -3.09
C MET B 54 20.12 -9.33 -4.34
N ASP B 55 18.82 -9.61 -4.16
CA ASP B 55 17.88 -9.94 -5.22
C ASP B 55 16.45 -9.61 -4.75
N PHE B 56 15.50 -9.49 -5.70
CA PHE B 56 14.09 -9.19 -5.43
C PHE B 56 13.41 -10.18 -4.47
N GLY B 57 13.82 -11.46 -4.53
CA GLY B 57 13.31 -12.53 -3.68
C GLY B 57 13.68 -12.33 -2.23
N THR B 58 14.94 -11.94 -1.96
CA THR B 58 15.45 -11.64 -0.61
C THR B 58 14.74 -10.40 -0.07
N MET B 59 14.50 -9.40 -0.94
CA MET B 59 13.79 -8.16 -0.61
C MET B 59 12.33 -8.46 -0.25
N LYS B 60 11.68 -9.39 -0.99
CA LYS B 60 10.30 -9.84 -0.75
C LYS B 60 10.21 -10.51 0.62
N ASP B 61 11.17 -11.40 0.95
CA ASP B 61 11.26 -12.12 2.21
C ASP B 61 11.43 -11.16 3.39
N LYS B 62 12.21 -10.07 3.19
CA LYS B 62 12.45 -9.05 4.21
C LYS B 62 11.17 -8.25 4.50
N ILE B 63 10.34 -7.96 3.47
CA ILE B 63 9.05 -7.27 3.61
C ILE B 63 8.09 -8.15 4.43
N VAL B 64 7.96 -9.45 4.04
CA VAL B 64 7.09 -10.44 4.69
C VAL B 64 7.45 -10.62 6.18
N ALA B 65 8.76 -10.65 6.49
CA ALA B 65 9.27 -10.78 7.86
C ALA B 65 9.26 -9.45 8.63
N ASN B 66 8.86 -8.34 7.97
CA ASN B 66 8.78 -6.97 8.50
C ASN B 66 10.16 -6.48 9.00
N GLU B 67 11.20 -6.76 8.19
CA GLU B 67 12.60 -6.42 8.45
C GLU B 67 12.99 -4.99 8.05
N TYR B 68 12.16 -4.30 7.23
CA TYR B 68 12.44 -2.94 6.80
C TYR B 68 11.81 -1.91 7.73
N LYS B 69 12.64 -1.05 8.33
CA LYS B 69 12.19 0.00 9.24
C LYS B 69 11.74 1.24 8.44
N SER B 70 12.29 1.41 7.23
CA SER B 70 12.00 2.56 6.37
C SER B 70 12.13 2.27 4.88
N VAL B 71 11.65 3.23 4.05
CA VAL B 71 11.78 3.16 2.59
C VAL B 71 13.28 3.29 2.22
N THR B 72 14.05 4.08 3.02
CA THR B 72 15.50 4.28 2.84
C THR B 72 16.24 2.94 2.88
N GLU B 73 15.88 2.05 3.84
CA GLU B 73 16.46 0.72 3.99
C GLU B 73 16.14 -0.16 2.77
N PHE B 74 14.89 -0.06 2.26
CA PHE B 74 14.43 -0.79 1.07
C PHE B 74 15.18 -0.30 -0.17
N LYS B 75 15.32 1.03 -0.32
CA LYS B 75 16.04 1.68 -1.41
C LYS B 75 17.52 1.27 -1.42
N ALA B 76 18.13 1.13 -0.22
CA ALA B 76 19.52 0.72 -0.05
C ALA B 76 19.75 -0.70 -0.58
N ASP B 77 18.80 -1.62 -0.33
CA ASP B 77 18.89 -3.00 -0.82
C ASP B 77 18.73 -3.04 -2.34
N PHE B 78 17.80 -2.22 -2.88
CA PHE B 78 17.57 -2.11 -4.33
C PHE B 78 18.83 -1.59 -5.03
N LYS B 79 19.45 -0.53 -4.47
CA LYS B 79 20.68 0.07 -5.00
C LYS B 79 21.81 -0.97 -4.99
N LEU B 80 21.94 -1.73 -3.88
CA LEU B 80 22.96 -2.76 -3.71
C LEU B 80 22.85 -3.83 -4.81
N MET B 81 21.62 -4.29 -5.09
CA MET B 81 21.33 -5.28 -6.13
C MET B 81 21.78 -4.79 -7.52
N CYS B 82 21.42 -3.54 -7.89
CA CYS B 82 21.80 -2.93 -9.17
C CYS B 82 23.31 -2.71 -9.27
N ASP B 83 23.93 -2.20 -8.18
CA ASP B 83 25.37 -1.98 -8.10
C ASP B 83 26.15 -3.28 -8.28
N ASN B 84 25.67 -4.39 -7.67
CA ASN B 84 26.30 -5.71 -7.79
C ASN B 84 26.35 -6.17 -9.25
N ALA B 85 25.22 -6.03 -9.97
CA ALA B 85 25.10 -6.41 -11.38
C ALA B 85 26.02 -5.57 -12.27
N MET B 86 26.20 -4.28 -11.92
CA MET B 86 27.06 -3.35 -12.65
CA MET B 86 27.05 -3.36 -12.67
C MET B 86 28.54 -3.54 -12.34
N THR B 87 28.84 -4.20 -11.20
CA THR B 87 30.22 -4.49 -10.76
C THR B 87 30.70 -5.81 -11.37
N TYR B 88 29.88 -6.87 -11.30
CA TYR B 88 30.25 -8.19 -11.81
C TYR B 88 30.21 -8.29 -13.34
N ASN B 89 29.12 -7.79 -13.96
CA ASN B 89 28.89 -7.88 -15.40
C ASN B 89 29.53 -6.76 -16.19
N ARG B 90 29.97 -7.06 -17.41
CA ARG B 90 30.59 -6.10 -18.33
C ARG B 90 29.51 -5.14 -18.89
N PRO B 91 29.86 -3.89 -19.24
CA PRO B 91 28.83 -2.92 -19.70
C PRO B 91 27.97 -3.31 -20.91
N ASP B 92 28.46 -4.21 -21.79
CA ASP B 92 27.72 -4.62 -22.99
C ASP B 92 26.77 -5.82 -22.75
N THR B 93 26.58 -6.24 -21.49
CA THR B 93 25.70 -7.37 -21.15
C THR B 93 24.27 -6.92 -20.84
N VAL B 94 23.29 -7.82 -20.99
CA VAL B 94 21.88 -7.56 -20.69
C VAL B 94 21.67 -7.26 -19.20
N TYR B 95 22.46 -7.90 -18.33
CA TYR B 95 22.41 -7.73 -16.87
C TYR B 95 22.84 -6.35 -16.41
N TYR B 96 23.97 -5.83 -16.95
CA TYR B 96 24.47 -4.49 -16.64
C TYR B 96 23.48 -3.43 -17.14
N LYS B 97 23.04 -3.56 -18.42
CA LYS B 97 22.11 -2.64 -19.08
C LYS B 97 20.79 -2.53 -18.32
N LEU B 98 20.20 -3.67 -17.91
CA LEU B 98 18.94 -3.67 -17.17
C LEU B 98 19.10 -3.06 -15.78
N ALA B 99 20.22 -3.39 -15.07
CA ALA B 99 20.52 -2.85 -13.74
C ALA B 99 20.61 -1.34 -13.75
N LYS B 100 21.28 -0.75 -14.76
CA LYS B 100 21.44 0.70 -14.92
C LYS B 100 20.08 1.37 -15.17
N LYS B 101 19.27 0.77 -16.06
CA LYS B 101 17.93 1.25 -16.43
C LYS B 101 16.98 1.23 -15.22
N ILE B 102 16.91 0.10 -14.50
CA ILE B 102 16.00 -0.06 -13.37
C ILE B 102 16.46 0.75 -12.14
N LEU B 103 17.80 0.96 -11.95
CA LEU B 103 18.31 1.74 -10.81
C LEU B 103 17.82 3.20 -10.89
N HIS B 104 17.97 3.83 -12.08
CA HIS B 104 17.55 5.21 -12.31
C HIS B 104 16.01 5.36 -12.25
N ALA B 105 15.26 4.40 -12.85
CA ALA B 105 13.78 4.39 -12.83
C ALA B 105 13.24 4.16 -11.40
N GLY B 106 13.92 3.31 -10.65
CA GLY B 106 13.57 2.98 -9.27
C GLY B 106 13.77 4.12 -8.30
N PHE B 107 14.91 4.84 -8.42
CA PHE B 107 15.23 5.97 -7.57
C PHE B 107 14.36 7.20 -7.86
N LYS B 108 13.79 7.30 -9.08
CA LYS B 108 12.89 8.41 -9.42
C LYS B 108 11.49 8.13 -8.85
N MET B 109 11.08 6.85 -8.88
CA MET B 109 9.80 6.37 -8.35
C MET B 109 9.75 6.53 -6.81
N MET B 110 10.88 6.27 -6.14
CA MET B 110 11.01 6.36 -4.68
C MET B 110 11.86 7.59 -4.28
N SER B 111 11.77 8.68 -5.06
CA SER B 111 12.50 9.93 -4.81
C SER B 111 12.04 10.63 -3.54
N LYS B 112 12.92 11.48 -2.95
CA LYS B 112 12.62 12.26 -1.75
C LYS B 112 11.39 13.14 -1.97
N GLU B 113 11.22 13.63 -3.22
CA GLU B 113 10.09 14.47 -3.67
C GLU B 113 8.80 13.67 -3.60
N ARG B 114 8.78 12.45 -4.19
CA ARG B 114 7.62 11.56 -4.22
C ARG B 114 7.23 11.06 -2.83
N LEU B 115 8.23 10.77 -1.98
CA LEU B 115 7.99 10.31 -0.61
C LEU B 115 7.45 11.43 0.28
N LEU B 116 7.88 12.68 0.04
CA LEU B 116 7.39 13.85 0.78
C LEU B 116 5.91 14.10 0.43
N ALA B 117 5.55 13.91 -0.86
CA ALA B 117 4.18 14.06 -1.36
C ALA B 117 3.28 12.98 -0.75
N LEU B 118 3.83 11.77 -0.54
CA LEU B 118 3.14 10.65 0.07
C LEU B 118 2.97 10.88 1.59
N LYS B 119 3.99 11.48 2.24
CA LYS B 119 3.97 11.83 3.67
C LYS B 119 2.86 12.86 3.94
N ARG B 120 2.73 13.86 3.05
CA ARG B 120 1.73 14.93 3.13
C ARG B 120 0.30 14.37 3.01
N SER B 121 0.12 13.33 2.19
CA SER B 121 -1.18 12.66 1.99
C SER B 121 -1.53 11.70 3.15
N MET B 122 -0.58 11.45 4.07
CA MET B 122 -0.79 10.60 5.24
C MET B 122 -1.28 11.36 6.47
N SER B 123 -1.33 12.70 6.38
CA SER B 123 -1.80 13.57 7.46
C SER B 123 -3.26 13.96 7.27
C5 5TY C . -30.34 -1.40 6.21
C8 5TY C . -29.20 -2.02 5.57
C10 5TY C . -31.35 0.35 7.43
C13 5TY C . -26.48 0.37 6.34
C15 5TY C . -33.93 -3.32 5.99
C1 5TY C . -30.18 -0.17 6.88
C2 5TY C . -28.86 0.45 6.93
C3 5TY C . -32.58 -1.43 6.74
N4 5TY C . -31.53 -2.04 6.14
N6 5TY C . -27.82 -0.23 6.29
N7 5TY C . -32.55 -0.25 7.40
C9 5TY C . -28.00 -1.44 5.65
N11 5TY C . -33.78 -2.04 6.66
O12 5TY C . -28.64 1.51 7.49
C14 5TY C . -34.97 -1.47 7.27
C5 5TY D . 23.29 -13.51 -14.21
C8 5TY D . 21.88 -13.47 -13.86
C10 5TY D . 25.50 -12.67 -14.06
C13 5TY D . 21.70 -10.43 -11.75
C15 5TY D . 24.60 -16.53 -16.61
C1 5TY D . 24.15 -12.54 -13.70
C2 5TY D . 23.62 -11.46 -12.84
C3 5TY D . 25.04 -14.52 -15.29
N4 5TY D . 23.72 -14.52 -15.00
N6 5TY D . 22.25 -11.50 -12.60
N7 5TY D . 25.96 -13.64 -14.86
C9 5TY D . 21.43 -12.48 -13.09
N11 5TY D . 25.49 -15.52 -16.11
O12 5TY D . 24.30 -10.56 -12.40
C14 5TY D . 26.90 -15.62 -16.47
#